data_4AXJ
#
_entry.id   4AXJ
#
_cell.length_a   69.368
_cell.length_b   46.380
_cell.length_c   76.400
_cell.angle_alpha   90.00
_cell.angle_beta   91.56
_cell.angle_gamma   90.00
#
_symmetry.space_group_name_H-M   'I 1 2 1'
#
loop_
_entity.id
_entity.type
_entity.pdbx_description
1 polymer 'ETHANOLAMINE CARBOXYSOME STRUCTURAL PROTEIN'
2 non-polymer 'SULFATE ION'
3 water water
#
_entity_poly.entity_id   1
_entity_poly.type   'polypeptide(L)'
_entity_poly.pdbx_seq_one_letter_code
;MGASANALGMIETKGLVGAIEAADAMVKAANVQLVGKEQVGGGLVTVMVRGDVGAVKAATDAGAAAAERVGELISVHVIP
RPHFEVDAILPKVSAELEHHHHHH
;
_entity_poly.pdbx_strand_id   A,B,C
#
loop_
_chem_comp.id
_chem_comp.type
_chem_comp.name
_chem_comp.formula
SO4 non-polymer 'SULFATE ION' 'O4 S -2'
#
# COMPACT_ATOMS: atom_id res chain seq x y z
N ALA A 5 9.67 -29.94 11.13
CA ALA A 5 9.08 -28.79 10.43
C ALA A 5 9.93 -27.54 10.64
N ASN A 6 11.24 -27.67 10.41
CA ASN A 6 12.18 -26.64 10.78
C ASN A 6 12.76 -25.85 9.60
N ALA A 7 12.48 -26.24 8.36
CA ALA A 7 13.05 -25.58 7.21
C ALA A 7 12.47 -24.15 7.13
N LEU A 8 13.23 -23.24 6.53
CA LEU A 8 12.82 -21.83 6.44
C LEU A 8 12.85 -21.41 4.98
N GLY A 9 11.74 -20.87 4.48
CA GLY A 9 11.69 -20.31 3.14
C GLY A 9 11.42 -18.82 3.17
N MET A 10 12.14 -18.05 2.36
CA MET A 10 12.08 -16.61 2.39
C MET A 10 11.92 -16.08 0.98
N ILE A 11 11.02 -15.12 0.84
CA ILE A 11 10.82 -14.41 -0.44
C ILE A 11 10.91 -12.92 -0.14
N GLU A 12 11.73 -12.19 -0.90
CA GLU A 12 11.85 -10.72 -0.76
C GLU A 12 11.42 -10.04 -2.03
N THR A 13 10.55 -9.03 -1.91
CA THR A 13 10.02 -8.26 -3.05
C THR A 13 10.23 -6.78 -2.83
N LYS A 14 10.19 -5.99 -3.90
CA LYS A 14 10.18 -4.54 -3.78
C LYS A 14 8.71 -4.20 -3.87
N GLY A 15 8.09 -3.86 -2.76
CA GLY A 15 6.66 -3.63 -2.74
C GLY A 15 5.93 -4.65 -1.90
N LEU A 16 4.88 -4.21 -1.23
CA LEU A 16 4.07 -5.08 -0.40
C LEU A 16 3.15 -6.01 -1.16
N VAL A 17 2.59 -5.57 -2.29
CA VAL A 17 1.65 -6.44 -3.00
C VAL A 17 2.27 -7.75 -3.42
N GLY A 18 3.50 -7.68 -3.94
CA GLY A 18 4.23 -8.88 -4.31
C GLY A 18 4.42 -9.85 -3.15
N ALA A 19 4.71 -9.31 -1.97
CA ALA A 19 4.95 -10.12 -0.80
C ALA A 19 3.68 -10.81 -0.30
N ILE A 20 2.57 -10.07 -0.29
CA ILE A 20 1.31 -10.67 0.08
C ILE A 20 0.88 -11.74 -0.88
N GLU A 21 1.04 -11.52 -2.18
CA GLU A 21 0.68 -12.57 -3.12
C GLU A 21 1.61 -13.77 -2.94
N ALA A 22 2.90 -13.55 -2.72
CA ALA A 22 3.82 -14.63 -2.45
C ALA A 22 3.40 -15.43 -1.24
N ALA A 23 3.10 -14.75 -0.14
CA ALA A 23 2.68 -15.44 1.09
C ALA A 23 1.43 -16.31 0.82
N ASP A 24 0.42 -15.75 0.13
CA ASP A 24 -0.77 -16.54 -0.11
C ASP A 24 -0.48 -17.77 -0.97
N ALA A 25 0.35 -17.61 -2.01
CA ALA A 25 0.71 -18.72 -2.88
C ALA A 25 1.51 -19.78 -2.11
N MET A 26 2.37 -19.35 -1.19
CA MET A 26 3.12 -20.31 -0.40
C MET A 26 2.23 -21.20 0.40
N VAL A 27 1.33 -20.60 1.18
CA VAL A 27 0.56 -21.41 2.12
C VAL A 27 -0.48 -22.26 1.41
N LYS A 28 -0.76 -21.91 0.15
CA LYS A 28 -1.69 -22.74 -0.66
C LYS A 28 -0.99 -23.88 -1.43
N ALA A 29 0.31 -23.76 -1.61
CA ALA A 29 1.06 -24.70 -2.46
C ALA A 29 1.51 -25.94 -1.70
N ALA A 30 1.62 -25.84 -0.38
CA ALA A 30 2.13 -26.94 0.43
C ALA A 30 1.77 -26.63 1.85
N ASN A 31 1.92 -27.59 2.76
CA ASN A 31 1.65 -27.34 4.16
C ASN A 31 2.84 -26.69 4.85
N VAL A 32 2.92 -25.38 4.74
CA VAL A 32 3.95 -24.61 5.37
C VAL A 32 3.26 -23.56 6.22
N GLN A 33 3.96 -23.08 7.24
CA GLN A 33 3.40 -22.11 8.16
C GLN A 33 4.00 -20.70 7.91
N LEU A 34 3.14 -19.70 7.71
CA LEU A 34 3.60 -18.32 7.55
C LEU A 34 4.03 -17.79 8.89
N VAL A 35 5.28 -17.37 9.02
CA VAL A 35 5.75 -16.94 10.32
C VAL A 35 5.92 -15.42 10.44
N GLY A 36 5.87 -14.69 9.33
CA GLY A 36 5.77 -13.26 9.43
C GLY A 36 6.29 -12.54 8.20
N LYS A 37 6.25 -11.21 8.27
CA LYS A 37 6.86 -10.40 7.25
C LYS A 37 7.68 -9.32 7.90
N GLU A 38 8.73 -8.93 7.22
CA GLU A 38 9.60 -7.88 7.70
C GLU A 38 9.86 -6.88 6.62
N GLN A 39 9.95 -5.60 7.01
CA GLN A 39 10.24 -4.56 6.07
C GLN A 39 11.54 -3.97 6.48
N VAL A 40 12.43 -3.71 5.55
CA VAL A 40 13.76 -3.16 5.89
C VAL A 40 14.08 -1.87 5.16
N GLY A 41 13.06 -1.22 4.63
CA GLY A 41 13.30 0.03 3.97
C GLY A 41 13.62 -0.11 2.50
N GLY A 42 13.62 1.02 1.81
CA GLY A 42 13.84 1.07 0.39
C GLY A 42 12.81 0.23 -0.35
N GLY A 43 11.67 -0.01 0.28
CA GLY A 43 10.59 -0.74 -0.38
C GLY A 43 10.68 -2.25 -0.24
N LEU A 44 11.74 -2.76 0.39
CA LEU A 44 11.93 -4.22 0.43
C LEU A 44 11.16 -4.88 1.54
N VAL A 45 10.37 -5.88 1.15
CA VAL A 45 9.53 -6.62 2.07
C VAL A 45 9.85 -8.11 1.93
N THR A 46 10.00 -8.80 3.06
CA THR A 46 10.31 -10.25 3.05
C THR A 46 9.20 -10.97 3.80
N VAL A 47 8.72 -12.07 3.24
CA VAL A 47 7.79 -12.96 3.93
C VAL A 47 8.48 -14.32 4.11
N MET A 48 8.17 -14.99 5.20
CA MET A 48 8.90 -16.22 5.54
C MET A 48 7.94 -17.30 5.97
N VAL A 49 8.28 -18.55 5.63
CA VAL A 49 7.47 -19.70 6.04
C VAL A 49 8.39 -20.74 6.68
N ARG A 50 7.79 -21.57 7.52
CA ARG A 50 8.45 -22.75 8.08
C ARG A 50 7.73 -24.02 7.70
N GLY A 51 8.43 -25.14 7.65
CA GLY A 51 7.76 -26.38 7.30
C GLY A 51 8.78 -27.45 7.09
N ASP A 52 8.34 -28.64 6.66
CA ASP A 52 9.35 -29.60 6.31
C ASP A 52 10.02 -29.22 4.99
N VAL A 53 11.27 -29.67 4.83
CA VAL A 53 12.09 -29.26 3.69
C VAL A 53 11.37 -29.36 2.33
N GLY A 54 10.73 -30.49 2.03
CA GLY A 54 10.08 -30.62 0.74
C GLY A 54 8.96 -29.61 0.51
N ALA A 55 8.13 -29.46 1.53
CA ALA A 55 7.01 -28.52 1.50
C ALA A 55 7.52 -27.12 1.30
N VAL A 56 8.57 -26.75 2.05
CA VAL A 56 9.11 -25.38 1.95
C VAL A 56 9.70 -25.12 0.57
N LYS A 57 10.40 -26.08 -0.02
CA LYS A 57 10.88 -25.89 -1.40
C LYS A 57 9.72 -25.67 -2.37
N ALA A 58 8.69 -26.51 -2.28
CA ALA A 58 7.55 -26.37 -3.17
C ALA A 58 6.85 -25.02 -2.97
N ALA A 59 6.63 -24.65 -1.71
CA ALA A 59 5.96 -23.40 -1.40
C ALA A 59 6.73 -22.21 -1.88
N THR A 60 8.04 -22.22 -1.66
CA THR A 60 8.86 -21.06 -2.00
CA THR A 60 8.84 -21.04 -2.02
C THR A 60 8.93 -20.89 -3.53
N ASP A 61 9.02 -21.98 -4.26
CA ASP A 61 8.97 -21.92 -5.72
C ASP A 61 7.63 -21.31 -6.22
N ALA A 62 6.54 -21.72 -5.60
CA ALA A 62 5.22 -21.20 -5.96
C ALA A 62 5.08 -19.72 -5.62
N GLY A 63 5.57 -19.36 -4.44
CA GLY A 63 5.55 -17.99 -3.99
C GLY A 63 6.35 -17.07 -4.87
N ALA A 64 7.51 -17.56 -5.30
CA ALA A 64 8.36 -16.76 -6.17
C ALA A 64 7.68 -16.50 -7.50
N ALA A 65 7.05 -17.52 -8.07
CA ALA A 65 6.29 -17.33 -9.31
C ALA A 65 5.17 -16.31 -9.13
N ALA A 66 4.46 -16.39 -8.01
CA ALA A 66 3.38 -15.42 -7.72
C ALA A 66 3.88 -13.99 -7.55
N ALA A 67 5.02 -13.81 -6.88
CA ALA A 67 5.60 -12.51 -6.73
C ALA A 67 6.03 -11.95 -8.08
N GLU A 68 6.56 -12.80 -8.96
CA GLU A 68 7.00 -12.36 -10.29
C GLU A 68 5.77 -11.88 -11.09
N ARG A 69 4.62 -12.50 -10.90
CA ARG A 69 3.43 -12.10 -11.66
C ARG A 69 2.93 -10.72 -11.32
N VAL A 70 3.00 -10.32 -10.05
CA VAL A 70 2.26 -9.10 -9.65
C VAL A 70 3.14 -7.97 -9.24
N GLY A 71 4.45 -8.19 -9.29
CA GLY A 71 5.35 -7.28 -8.62
C GLY A 71 6.76 -7.46 -9.09
N GLU A 72 7.69 -7.23 -8.16
CA GLU A 72 9.12 -7.26 -8.43
C GLU A 72 9.81 -8.17 -7.39
N LEU A 73 10.28 -9.30 -7.86
CA LEU A 73 10.99 -10.26 -7.00
C LEU A 73 12.47 -9.90 -6.88
N ILE A 74 12.96 -9.86 -5.66
CA ILE A 74 14.33 -9.51 -5.39
C ILE A 74 15.21 -10.72 -5.00
N SER A 75 14.69 -11.56 -4.10
CA SER A 75 15.45 -12.70 -3.62
C SER A 75 14.53 -13.83 -3.21
N VAL A 76 15.04 -15.05 -3.33
CA VAL A 76 14.28 -16.25 -2.93
C VAL A 76 15.31 -17.24 -2.37
N HIS A 77 15.07 -17.83 -1.19
CA HIS A 77 16.02 -18.82 -0.67
C HIS A 77 15.40 -19.72 0.34
N VAL A 78 15.86 -20.95 0.40
CA VAL A 78 15.40 -21.90 1.39
C VAL A 78 16.60 -22.32 2.23
N ILE A 79 16.45 -22.30 3.56
CA ILE A 79 17.45 -22.89 4.45
C ILE A 79 16.82 -24.11 5.08
N PRO A 80 17.28 -25.32 4.70
CA PRO A 80 16.64 -26.55 5.22
C PRO A 80 16.67 -26.71 6.72
N ARG A 81 17.83 -26.37 7.34
CA ARG A 81 18.00 -26.53 8.75
C ARG A 81 18.72 -25.34 9.36
N PRO A 82 17.97 -24.26 9.59
CA PRO A 82 18.60 -23.07 10.19
C PRO A 82 19.20 -23.35 11.55
N HIS A 83 20.31 -22.65 11.81
CA HIS A 83 20.96 -22.72 13.11
C HIS A 83 20.05 -22.14 14.16
N PHE A 84 20.11 -22.68 15.36
CA PHE A 84 19.15 -22.19 16.36
C PHE A 84 19.29 -20.68 16.68
N GLU A 85 20.48 -20.14 16.59
CA GLU A 85 20.66 -18.70 16.80
C GLU A 85 20.01 -17.83 15.74
N VAL A 86 19.79 -18.37 14.56
CA VAL A 86 19.13 -17.64 13.50
C VAL A 86 17.64 -17.37 13.82
N ASP A 87 16.98 -18.31 14.49
CA ASP A 87 15.58 -18.04 14.94
C ASP A 87 15.39 -16.66 15.65
N ALA A 88 16.45 -16.17 16.29
CA ALA A 88 16.41 -14.99 17.13
C ALA A 88 16.43 -13.67 16.37
N ILE A 89 16.67 -13.72 15.06
CA ILE A 89 16.63 -12.52 14.25
C ILE A 89 15.50 -12.63 13.20
N LEU A 90 14.59 -13.57 13.42
CA LEU A 90 13.44 -13.73 12.50
C LEU A 90 12.18 -13.03 13.06
N PRO A 91 11.26 -12.61 12.17
CA PRO A 91 10.02 -11.96 12.62
C PRO A 91 8.98 -13.01 13.01
N ALA B 3 -12.17 -23.61 3.64
CA ALA B 3 -12.60 -22.32 4.11
C ALA B 3 -11.62 -21.27 3.64
N SER B 4 -12.13 -20.07 3.37
CA SER B 4 -11.23 -18.99 3.06
C SER B 4 -11.76 -17.71 3.63
N ALA B 5 -10.86 -16.77 3.82
CA ALA B 5 -11.18 -15.43 4.31
C ALA B 5 -11.81 -14.61 3.19
N ASN B 6 -12.34 -13.45 3.54
CA ASN B 6 -13.00 -12.58 2.54
C ASN B 6 -12.01 -12.18 1.47
N ALA B 7 -12.56 -11.86 0.29
CA ALA B 7 -11.68 -11.41 -0.81
C ALA B 7 -10.90 -10.15 -0.40
N LEU B 8 -9.72 -10.00 -1.01
CA LEU B 8 -8.80 -8.91 -0.74
C LEU B 8 -8.40 -8.25 -2.04
N GLY B 9 -8.50 -6.91 -2.06
CA GLY B 9 -8.02 -6.15 -3.18
C GLY B 9 -6.94 -5.22 -2.73
N MET B 10 -5.87 -5.10 -3.51
CA MET B 10 -4.72 -4.25 -3.09
C MET B 10 -4.28 -3.40 -4.24
N ILE B 11 -3.96 -2.15 -3.93
CA ILE B 11 -3.39 -1.23 -4.89
C ILE B 11 -2.15 -0.61 -4.26
N GLU B 12 -1.01 -0.69 -4.96
CA GLU B 12 0.24 -0.06 -4.52
C GLU B 12 0.61 1.08 -5.46
N THR B 13 0.93 2.22 -4.88
CA THR B 13 1.26 3.47 -5.63
C THR B 13 2.58 4.04 -5.15
N LYS B 14 3.21 4.86 -5.98
CA LYS B 14 4.38 5.57 -5.52
C LYS B 14 3.85 6.90 -5.12
N GLY B 15 3.73 7.10 -3.82
CA GLY B 15 3.15 8.31 -3.29
C GLY B 15 1.82 8.06 -2.59
N LEU B 16 1.55 8.89 -1.60
CA LEU B 16 0.31 8.79 -0.87
C LEU B 16 -0.88 9.37 -1.63
N VAL B 17 -0.69 10.39 -2.46
CA VAL B 17 -1.85 11.00 -3.13
C VAL B 17 -2.54 9.98 -4.04
N GLY B 18 -1.74 9.20 -4.75
CA GLY B 18 -2.29 8.17 -5.62
C GLY B 18 -3.06 7.11 -4.84
N ALA B 19 -2.56 6.79 -3.66
CA ALA B 19 -3.21 5.81 -2.80
C ALA B 19 -4.52 6.30 -2.26
N ILE B 20 -4.60 7.57 -1.86
CA ILE B 20 -5.85 8.11 -1.39
C ILE B 20 -6.87 8.21 -2.53
N GLU B 21 -6.42 8.63 -3.71
CA GLU B 21 -7.32 8.63 -4.84
C GLU B 21 -7.82 7.22 -5.13
N ALA B 22 -6.93 6.24 -5.08
CA ALA B 22 -7.36 4.86 -5.29
C ALA B 22 -8.38 4.43 -4.24
N ALA B 23 -8.07 4.67 -2.99
CA ALA B 23 -8.96 4.24 -1.92
C ALA B 23 -10.35 4.87 -2.09
N ASP B 24 -10.39 6.18 -2.38
CA ASP B 24 -11.67 6.85 -2.56
C ASP B 24 -12.44 6.18 -3.70
N ALA B 25 -11.78 5.91 -4.80
CA ALA B 25 -12.48 5.31 -5.91
C ALA B 25 -12.97 3.91 -5.57
N MET B 26 -12.17 3.17 -4.79
CA MET B 26 -12.53 1.77 -4.46
C MET B 26 -13.87 1.72 -3.67
N VAL B 27 -13.95 2.53 -2.63
CA VAL B 27 -15.11 2.46 -1.74
C VAL B 27 -16.32 3.08 -2.42
N LYS B 28 -16.08 3.98 -3.35
CA LYS B 28 -17.20 4.55 -4.11
C LYS B 28 -17.78 3.56 -5.11
N ALA B 29 -16.95 2.65 -5.61
CA ALA B 29 -17.33 1.82 -6.74
C ALA B 29 -18.12 0.59 -6.32
N ALA B 30 -18.04 0.23 -5.04
CA ALA B 30 -18.58 -1.06 -4.55
C ALA B 30 -18.71 -1.08 -3.05
N ASN B 31 -19.47 -2.07 -2.57
CA ASN B 31 -19.64 -2.24 -1.14
C ASN B 31 -18.47 -3.04 -0.59
N VAL B 32 -17.37 -2.34 -0.31
CA VAL B 32 -16.19 -2.98 0.30
C VAL B 32 -15.77 -2.23 1.55
N GLN B 33 -14.98 -2.86 2.40
CA GLN B 33 -14.42 -2.23 3.57
C GLN B 33 -13.00 -1.86 3.29
N LEU B 34 -12.65 -0.61 3.55
CA LEU B 34 -11.27 -0.17 3.42
C LEU B 34 -10.60 -0.58 4.68
N VAL B 35 -9.62 -1.48 4.62
CA VAL B 35 -9.07 -1.96 5.88
C VAL B 35 -7.77 -1.33 6.29
N GLY B 36 -7.17 -0.54 5.41
CA GLY B 36 -6.06 0.27 5.84
C GLY B 36 -5.06 0.53 4.76
N LYS B 37 -3.96 1.15 5.18
CA LYS B 37 -2.86 1.43 4.29
C LYS B 37 -1.58 1.04 5.00
N GLU B 38 -0.59 0.70 4.20
CA GLU B 38 0.69 0.30 4.71
C GLU B 38 1.74 0.98 3.84
N GLN B 39 2.86 1.38 4.44
CA GLN B 39 3.91 2.03 3.69
C GLN B 39 5.18 1.27 4.00
N VAL B 40 5.96 0.95 2.96
CA VAL B 40 7.16 0.10 3.15
C VAL B 40 8.44 0.79 2.71
N GLY B 41 8.40 2.11 2.71
CA GLY B 41 9.57 2.86 2.28
C GLY B 41 9.67 2.99 0.80
N GLY B 42 10.64 3.80 0.39
CA GLY B 42 10.83 4.09 -1.01
C GLY B 42 9.64 4.80 -1.62
N GLY B 43 8.73 5.31 -0.78
CA GLY B 43 7.58 6.06 -1.27
C GLY B 43 6.42 5.15 -1.65
N LEU B 44 6.58 3.85 -1.47
CA LEU B 44 5.50 2.92 -1.85
C LEU B 44 4.45 2.79 -0.76
N VAL B 45 3.19 3.00 -1.16
CA VAL B 45 2.02 2.93 -0.28
C VAL B 45 1.00 1.97 -0.85
N THR B 46 0.45 1.10 0.00
CA THR B 46 -0.53 0.12 -0.44
C THR B 46 -1.81 0.34 0.33
N VAL B 47 -2.92 0.36 -0.39
CA VAL B 47 -4.24 0.44 0.23
C VAL B 47 -4.97 -0.84 -0.10
N MET B 48 -5.78 -1.28 0.85
CA MET B 48 -6.43 -2.60 0.76
C MET B 48 -7.91 -2.53 1.10
N VAL B 49 -8.71 -3.30 0.38
CA VAL B 49 -10.12 -3.46 0.67
C VAL B 49 -10.49 -4.93 0.83
N ARG B 50 -11.55 -5.19 1.59
CA ARG B 50 -12.07 -6.55 1.76
C ARG B 50 -13.55 -6.54 1.44
N GLY B 51 -14.05 -7.66 0.94
CA GLY B 51 -15.47 -7.82 0.69
C GLY B 51 -15.76 -9.08 -0.07
N ASP B 52 -16.95 -9.13 -0.69
CA ASP B 52 -17.29 -10.22 -1.59
C ASP B 52 -16.44 -10.10 -2.85
N VAL B 53 -16.20 -11.20 -3.52
CA VAL B 53 -15.31 -11.21 -4.66
C VAL B 53 -15.68 -10.23 -5.76
N GLY B 54 -16.95 -10.21 -6.15
CA GLY B 54 -17.34 -9.33 -7.23
C GLY B 54 -17.19 -7.88 -6.86
N ALA B 55 -17.56 -7.53 -5.62
CA ALA B 55 -17.44 -6.16 -5.12
C ALA B 55 -15.96 -5.76 -5.10
N VAL B 56 -15.11 -6.68 -4.65
CA VAL B 56 -13.69 -6.34 -4.54
C VAL B 56 -13.06 -6.17 -5.92
N LYS B 57 -13.47 -6.98 -6.88
CA LYS B 57 -12.96 -6.86 -8.24
C LYS B 57 -13.35 -5.49 -8.81
N ALA B 58 -14.61 -5.11 -8.64
CA ALA B 58 -15.08 -3.83 -9.17
C ALA B 58 -14.35 -2.68 -8.49
N ALA B 59 -14.20 -2.76 -7.16
CA ALA B 59 -13.54 -1.69 -6.42
C ALA B 59 -12.11 -1.53 -6.89
N THR B 60 -11.40 -2.64 -7.01
CA THR B 60 -9.99 -2.59 -7.29
CA THR B 60 -9.99 -2.57 -7.33
C THR B 60 -9.77 -2.08 -8.72
N ASP B 61 -10.66 -2.46 -9.65
CA ASP B 61 -10.51 -1.93 -11.02
C ASP B 61 -10.66 -0.40 -11.01
N ALA B 62 -11.65 0.11 -10.24
CA ALA B 62 -11.83 1.56 -10.12
C ALA B 62 -10.64 2.22 -9.47
N GLY B 63 -10.11 1.60 -8.42
CA GLY B 63 -8.96 2.19 -7.77
C GLY B 63 -7.74 2.24 -8.67
N ALA B 64 -7.52 1.20 -9.47
CA ALA B 64 -6.35 1.15 -10.33
C ALA B 64 -6.45 2.28 -11.36
N ALA B 65 -7.66 2.47 -11.86
CA ALA B 65 -7.84 3.51 -12.87
C ALA B 65 -7.51 4.86 -12.27
N ALA B 66 -7.99 5.10 -11.05
CA ALA B 66 -7.78 6.40 -10.42
C ALA B 66 -6.29 6.67 -10.12
N ALA B 67 -5.58 5.66 -9.62
CA ALA B 67 -4.14 5.74 -9.41
C ALA B 67 -3.41 6.03 -10.71
N GLU B 68 -3.78 5.34 -11.78
CA GLU B 68 -3.10 5.54 -13.06
C GLU B 68 -3.36 6.94 -13.63
N ARG B 69 -4.53 7.49 -13.33
CA ARG B 69 -4.90 8.83 -13.81
C ARG B 69 -3.99 9.88 -13.24
N VAL B 70 -3.63 9.73 -11.95
CA VAL B 70 -2.75 10.72 -11.33
C VAL B 70 -1.27 10.33 -11.32
N GLY B 71 -0.92 9.19 -11.90
CA GLY B 71 0.45 8.87 -12.35
C GLY B 71 1.27 8.00 -11.42
N GLU B 72 0.60 7.50 -10.40
CA GLU B 72 1.22 6.71 -9.35
C GLU B 72 1.25 5.13 -9.30
N LEU B 73 0.64 4.44 -10.28
CA LEU B 73 0.30 2.99 -10.07
C LEU B 73 1.45 2.03 -10.23
N ILE B 74 1.75 1.24 -9.19
CA ILE B 74 2.82 0.29 -9.25
C ILE B 74 2.34 -1.15 -9.39
N SER B 75 1.37 -1.53 -8.57
CA SER B 75 0.81 -2.88 -8.59
C SER B 75 -0.68 -2.85 -8.28
N VAL B 76 -1.43 -3.82 -8.83
CA VAL B 76 -2.84 -3.99 -8.47
C VAL B 76 -3.11 -5.48 -8.52
N HIS B 77 -3.82 -5.99 -7.55
CA HIS B 77 -4.14 -7.44 -7.53
C HIS B 77 -5.30 -7.73 -6.62
N VAL B 78 -6.09 -8.73 -6.98
CA VAL B 78 -7.15 -9.27 -6.13
C VAL B 78 -6.81 -10.73 -5.82
N ILE B 79 -6.94 -11.08 -4.55
CA ILE B 79 -6.91 -12.48 -4.10
C ILE B 79 -8.34 -12.83 -3.67
N PRO B 80 -9.06 -13.60 -4.50
CA PRO B 80 -10.48 -13.86 -4.21
C PRO B 80 -10.72 -14.64 -2.93
N ARG B 81 -9.84 -15.58 -2.64
N ARG B 81 -9.83 -15.59 -2.65
CA ARG B 81 -10.01 -16.49 -1.51
CA ARG B 81 -9.98 -16.56 -1.55
C ARG B 81 -8.72 -16.67 -0.73
C ARG B 81 -8.70 -16.70 -0.69
N PRO B 82 -8.30 -15.63 0.00
CA PRO B 82 -7.04 -15.71 0.76
C PRO B 82 -7.13 -16.69 1.93
N HIS B 83 -6.05 -17.39 2.22
CA HIS B 83 -6.03 -18.19 3.43
C HIS B 83 -6.02 -17.31 4.67
N PHE B 84 -6.53 -17.82 5.80
CA PHE B 84 -6.49 -17.03 7.02
C PHE B 84 -5.09 -16.71 7.54
N GLU B 85 -4.12 -17.56 7.22
CA GLU B 85 -2.74 -17.28 7.63
C GLU B 85 -2.30 -15.94 7.10
N VAL B 86 -2.75 -15.62 5.89
CA VAL B 86 -2.33 -14.38 5.24
C VAL B 86 -3.14 -13.29 5.82
N ASP B 87 -4.43 -13.58 5.92
CA ASP B 87 -5.35 -12.64 6.49
C ASP B 87 -4.65 -12.12 7.74
N ALA B 88 -3.94 -13.01 8.42
CA ALA B 88 -3.35 -12.63 9.69
C ALA B 88 -2.23 -11.60 9.58
N ILE B 89 -1.60 -11.42 8.42
CA ILE B 89 -0.52 -10.40 8.28
C ILE B 89 -0.94 -9.08 7.54
N LEU B 90 -2.22 -8.86 7.41
CA LEU B 90 -2.75 -7.65 6.80
C LEU B 90 -3.08 -6.58 7.83
N PRO B 91 -3.21 -5.31 7.39
CA PRO B 91 -3.70 -4.25 8.29
C PRO B 91 -5.02 -4.64 8.95
N ASN C 6 -17.08 19.43 1.98
CA ASN C 6 -16.03 18.74 2.71
C ASN C 6 -15.02 18.09 1.75
N ALA C 7 -14.59 18.89 0.78
CA ALA C 7 -13.56 18.49 -0.15
C ALA C 7 -12.23 18.27 0.56
N LEU C 8 -11.36 17.46 -0.05
CA LEU C 8 -10.04 17.17 0.42
C LEU C 8 -9.01 17.62 -0.61
N GLY C 9 -8.04 18.41 -0.16
CA GLY C 9 -6.95 18.82 -1.04
C GLY C 9 -5.66 18.28 -0.50
N MET C 10 -4.81 17.81 -1.41
CA MET C 10 -3.58 17.14 -1.06
C MET C 10 -2.42 17.66 -1.92
N ILE C 11 -1.27 17.91 -1.29
CA ILE C 11 -0.06 18.29 -2.00
C ILE C 11 1.02 17.36 -1.49
N GLU C 12 1.74 16.71 -2.41
CA GLU C 12 2.88 15.85 -2.05
C GLU C 12 4.15 16.48 -2.60
N THR C 13 5.17 16.54 -1.73
CA THR C 13 6.49 17.09 -2.07
C THR C 13 7.58 16.09 -1.71
N LYS C 14 8.74 16.22 -2.36
CA LYS C 14 9.88 15.41 -1.97
C LYS C 14 10.67 16.33 -1.05
N GLY C 15 10.56 16.11 0.25
CA GLY C 15 11.12 17.03 1.23
C GLY C 15 10.08 17.69 2.10
N LEU C 16 10.44 17.89 3.37
CA LEU C 16 9.55 18.51 4.32
C LEU C 16 9.42 20.02 4.11
N VAL C 17 10.49 20.70 3.70
CA VAL C 17 10.40 22.17 3.55
C VAL C 17 9.31 22.56 2.55
N GLY C 18 9.25 21.88 1.41
CA GLY C 18 8.21 22.18 0.43
C GLY C 18 6.83 21.92 0.97
N ALA C 19 6.69 20.91 1.80
CA ALA C 19 5.40 20.57 2.37
C ALA C 19 4.96 21.62 3.36
N ILE C 20 5.86 22.12 4.18
CA ILE C 20 5.45 23.13 5.16
C ILE C 20 5.10 24.41 4.44
N GLU C 21 5.88 24.77 3.42
CA GLU C 21 5.54 25.95 2.61
C GLU C 21 4.20 25.76 1.94
N ALA C 22 3.95 24.57 1.40
CA ALA C 22 2.65 24.31 0.80
C ALA C 22 1.50 24.47 1.77
N ALA C 23 1.66 23.86 2.95
CA ALA C 23 0.63 23.92 3.98
C ALA C 23 0.31 25.38 4.38
N ASP C 24 1.37 26.15 4.59
CA ASP C 24 1.19 27.53 5.02
C ASP C 24 0.48 28.32 3.95
N ALA C 25 0.91 28.15 2.71
CA ALA C 25 0.23 28.83 1.60
C ALA C 25 -1.24 28.43 1.44
N MET C 26 -1.56 27.15 1.62
CA MET C 26 -2.94 26.70 1.53
C MET C 26 -3.84 27.35 2.57
N VAL C 27 -3.46 27.30 3.83
CA VAL C 27 -4.38 27.81 4.86
C VAL C 27 -4.46 29.32 4.81
N LYS C 28 -3.45 29.98 4.27
CA LYS C 28 -3.51 31.45 4.08
C LYS C 28 -4.39 31.87 2.92
N ALA C 29 -4.54 31.00 1.93
CA ALA C 29 -5.13 31.36 0.66
C ALA C 29 -6.64 31.32 0.67
N ALA C 30 -7.22 30.55 1.58
CA ALA C 30 -8.64 30.29 1.51
C ALA C 30 -9.17 29.73 2.84
N ASN C 31 -10.48 29.55 2.90
CA ASN C 31 -11.15 29.02 4.08
C ASN C 31 -11.07 27.54 4.11
N VAL C 32 -9.87 27.06 4.37
CA VAL C 32 -9.59 25.63 4.56
C VAL C 32 -8.91 25.36 5.89
N GLN C 33 -8.98 24.10 6.34
CA GLN C 33 -8.39 23.65 7.56
C GLN C 33 -7.36 22.58 7.30
N LEU C 34 -6.22 22.72 7.93
CA LEU C 34 -5.14 21.76 7.77
C LEU C 34 -5.46 20.51 8.58
N VAL C 35 -5.49 19.38 7.89
CA VAL C 35 -5.81 18.09 8.48
C VAL C 35 -4.56 17.45 9.07
N GLY C 36 -3.42 17.73 8.43
CA GLY C 36 -2.15 17.24 8.95
C GLY C 36 -1.18 16.91 7.84
N LYS C 37 -0.14 16.17 8.19
CA LYS C 37 0.89 15.80 7.23
C LYS C 37 1.20 14.37 7.48
N GLU C 38 1.60 13.71 6.40
CA GLU C 38 2.07 12.34 6.45
C GLU C 38 3.36 12.19 5.69
N GLN C 39 4.24 11.38 6.28
CA GLN C 39 5.52 11.06 5.71
C GLN C 39 5.47 9.60 5.41
N VAL C 40 5.56 9.23 4.14
CA VAL C 40 5.36 7.82 3.80
C VAL C 40 6.66 7.14 3.54
N GLY C 41 7.78 7.86 3.71
CA GLY C 41 9.06 7.27 3.39
C GLY C 41 9.53 7.73 2.04
N GLY C 42 10.80 7.48 1.74
CA GLY C 42 11.33 7.85 0.45
C GLY C 42 11.46 9.34 0.27
N GLY C 43 11.31 10.08 1.36
CA GLY C 43 11.40 11.53 1.29
C GLY C 43 10.09 12.21 0.94
N LEU C 44 9.05 11.45 0.61
CA LEU C 44 7.76 12.05 0.21
C LEU C 44 6.91 12.46 1.40
N VAL C 45 6.41 13.71 1.36
CA VAL C 45 5.62 14.24 2.46
C VAL C 45 4.37 14.82 1.85
N THR C 46 3.21 14.50 2.44
CA THR C 46 1.95 14.97 1.89
C THR C 46 1.28 15.80 2.97
N VAL C 47 0.75 16.94 2.57
CA VAL C 47 -0.04 17.76 3.51
C VAL C 47 -1.45 17.88 2.91
N MET C 48 -2.45 17.97 3.80
CA MET C 48 -3.84 17.91 3.37
C MET C 48 -4.71 18.93 4.04
N VAL C 49 -5.71 19.41 3.29
CA VAL C 49 -6.67 20.36 3.88
C VAL C 49 -8.08 19.92 3.59
N ARG C 50 -9.04 20.46 4.37
CA ARG C 50 -10.46 20.22 4.10
C ARG C 50 -11.16 21.57 4.02
N GLY C 51 -12.22 21.62 3.19
CA GLY C 51 -13.10 22.79 3.10
C GLY C 51 -14.06 22.67 1.94
N ASP C 52 -14.78 23.75 1.62
CA ASP C 52 -15.64 23.74 0.46
C ASP C 52 -14.79 23.56 -0.77
N VAL C 53 -15.34 22.92 -1.79
CA VAL C 53 -14.56 22.61 -2.98
C VAL C 53 -13.90 23.84 -3.61
N GLY C 54 -14.60 24.97 -3.67
CA GLY C 54 -13.98 26.17 -4.20
C GLY C 54 -12.79 26.67 -3.38
N ALA C 55 -12.92 26.64 -2.07
CA ALA C 55 -11.85 27.05 -1.19
C ALA C 55 -10.65 26.10 -1.34
N VAL C 56 -10.94 24.80 -1.45
CA VAL C 56 -9.88 23.81 -1.56
C VAL C 56 -9.13 23.93 -2.90
N LYS C 57 -9.85 24.22 -3.99
CA LYS C 57 -9.19 24.50 -5.26
C LYS C 57 -8.27 25.72 -5.19
N ALA C 58 -8.75 26.80 -4.58
CA ALA C 58 -7.92 27.98 -4.42
C ALA C 58 -6.68 27.70 -3.54
N ALA C 59 -6.91 26.96 -2.48
CA ALA C 59 -5.84 26.70 -1.51
C ALA C 59 -4.78 25.82 -2.17
N THR C 60 -5.22 24.76 -2.82
CA THR C 60 -4.25 23.86 -3.43
C THR C 60 -3.46 24.50 -4.57
N ASP C 61 -4.10 25.37 -5.36
CA ASP C 61 -3.35 26.14 -6.36
C ASP C 61 -2.23 26.97 -5.75
N ALA C 62 -2.52 27.64 -4.63
CA ALA C 62 -1.54 28.49 -3.95
C ALA C 62 -0.42 27.65 -3.35
N GLY C 63 -0.80 26.54 -2.74
CA GLY C 63 0.16 25.67 -2.12
C GLY C 63 1.11 25.06 -3.11
N ALA C 64 0.55 24.66 -4.24
CA ALA C 64 1.36 23.99 -5.25
C ALA C 64 2.34 24.96 -5.88
N ALA C 65 1.88 26.18 -6.11
CA ALA C 65 2.79 27.22 -6.62
C ALA C 65 3.94 27.45 -5.65
N ALA C 66 3.64 27.45 -4.35
CA ALA C 66 4.63 27.71 -3.31
C ALA C 66 5.62 26.58 -3.17
N ALA C 67 5.15 25.34 -3.20
CA ALA C 67 6.01 24.17 -3.06
C ALA C 67 6.98 24.10 -4.18
N GLU C 68 6.49 24.43 -5.36
CA GLU C 68 7.33 24.35 -6.53
C GLU C 68 8.50 25.34 -6.42
N ARG C 69 8.30 26.48 -5.77
CA ARG C 69 9.36 27.48 -5.73
C ARG C 69 10.46 27.19 -4.73
N VAL C 70 10.19 26.35 -3.74
CA VAL C 70 11.21 26.11 -2.71
C VAL C 70 11.68 24.68 -2.68
N GLY C 71 11.04 23.84 -3.46
CA GLY C 71 11.21 22.43 -3.29
C GLY C 71 10.70 21.67 -4.48
N GLU C 72 10.25 20.46 -4.21
CA GLU C 72 9.96 19.59 -5.31
C GLU C 72 8.51 19.22 -5.09
N LEU C 73 7.68 19.88 -5.89
CA LEU C 73 6.29 19.48 -6.02
C LEU C 73 6.23 18.17 -6.79
N ILE C 74 5.57 17.20 -6.20
CA ILE C 74 5.38 15.93 -6.84
C ILE C 74 3.95 15.79 -7.35
N SER C 75 2.95 16.14 -6.53
CA SER C 75 1.57 16.03 -7.01
C SER C 75 0.65 16.96 -6.25
N VAL C 76 -0.43 17.38 -6.89
CA VAL C 76 -1.45 18.18 -6.22
C VAL C 76 -2.79 17.76 -6.78
N HIS C 77 -3.73 17.44 -5.89
CA HIS C 77 -5.03 16.96 -6.35
C HIS C 77 -6.08 17.30 -5.33
N VAL C 78 -7.31 17.40 -5.80
CA VAL C 78 -8.46 17.66 -4.97
C VAL C 78 -9.49 16.58 -5.19
N ILE C 79 -10.03 16.06 -4.10
CA ILE C 79 -11.20 15.17 -4.20
C ILE C 79 -12.39 15.93 -3.66
N PRO C 80 -13.32 16.33 -4.56
CA PRO C 80 -14.44 17.17 -4.11
C PRO C 80 -15.38 16.62 -3.06
N ARG C 81 -15.73 15.34 -3.16
CA ARG C 81 -16.66 14.74 -2.23
C ARG C 81 -16.08 13.39 -1.80
N PRO C 82 -15.12 13.41 -0.88
CA PRO C 82 -14.52 12.12 -0.50
C PRO C 82 -15.51 11.27 0.31
N HIS C 83 -15.40 9.96 0.14
CA HIS C 83 -16.24 9.01 0.83
C HIS C 83 -15.81 8.95 2.30
N PHE C 84 -16.76 8.72 3.22
CA PHE C 84 -16.41 8.74 4.63
C PHE C 84 -15.32 7.77 5.06
N GLU C 85 -15.21 6.62 4.40
CA GLU C 85 -14.20 5.63 4.82
C GLU C 85 -12.81 6.16 4.63
N VAL C 86 -12.63 7.06 3.67
CA VAL C 86 -11.29 7.59 3.40
C VAL C 86 -10.69 8.31 4.63
N ASP C 87 -11.53 8.90 5.47
CA ASP C 87 -10.99 9.60 6.63
C ASP C 87 -10.11 8.72 7.54
N ALA C 88 -10.43 7.44 7.58
CA ALA C 88 -9.65 6.44 8.32
C ALA C 88 -8.16 6.40 7.99
N ILE C 89 -7.78 6.77 6.77
CA ILE C 89 -6.37 6.71 6.38
C ILE C 89 -5.75 8.07 6.19
N LEU C 90 -6.41 9.12 6.69
CA LEU C 90 -5.84 10.47 6.65
C LEU C 90 -5.20 10.79 8.00
N PRO C 91 -4.26 11.77 8.01
CA PRO C 91 -3.59 12.20 9.25
C PRO C 91 -4.56 12.70 10.33
S SO4 D . 13.87 4.84 2.32
O1 SO4 D . 13.30 3.59 2.81
O2 SO4 D . 12.90 5.50 1.45
O3 SO4 D . 14.18 5.69 3.46
O4 SO4 D . 15.08 4.57 1.56
S SO4 E . 23.42 -28.57 6.86
O1 SO4 E . 22.82 -29.75 6.24
O2 SO4 E . 22.41 -27.74 7.52
O3 SO4 E . 24.36 -29.03 7.87
O4 SO4 E . 24.14 -27.81 5.83
#